data_1Y69
#
_entry.id   1Y69
#
_cell.length_a   168.700
_cell.length_b   405.000
_cell.length_c   693.000
_cell.angle_alpha   90.00
_cell.angle_beta   90.00
_cell.angle_gamma   90.00
#
_symmetry.space_group_name_H-M   'I 2 2 2'
#
loop_
_entity.id
_entity.type
_entity.pdbx_description
1 polymer '23S ribosomal RNA'
2 polymer '5S ribosomal RNA'
3 polymer '50S ribosomal protein L16'
4 polymer '50S ribosomal protein L27'
5 polymer 'Ribosome-recycling factor'
#
loop_
_entity_poly.entity_id
_entity_poly.type
_entity_poly.pdbx_seq_one_letter_code
_entity_poly.pdbx_strand_id
1 'polyribonucleotide'
;GGUCAAGAUAGUAAGGGUCCACGGUGGAUGCCCUGGCGCUGGAGCCGAUGAAGGACGCGAUUACCUGCGAAAAGCCCCGA
CGAGCUGGAGAUACGCUUUGACUCGGGGAUGUCCGAAUGGGGAAACCCACCUCGUAAGAGGUAUCCGCAAGGAUGGGAAC
UCAGGGAACUGAAACAUCUCAGUACCUGAAGGAGAAGAAAGAGAAUUCGAUUCCGUUAGUAGCGGCGAGCGAACCCGGAU
CAGCCCAAACCGAAACGCUUGCGUUUCGGGGUUGUAGGACCAGUUUUUAAGAUUCAACCCCUCAAGCCGAAGUGGCUGGA
AAGCUACACCUCAGAAGGUGAGAGUCCUGUAGGCGAACGAGCGGUUGACUGUACUGGCACCUGAGUAGGUCGUUGUUCGU
GAAACGAUGACUGAAUCCGCGCGGACCACCGCGCAAGGCUAAAUACUCCCAGUGACCGAUAGCGCAUAGUACCGUGAGGG
AAAGGUGAAAAGAACCCCGGGAGGGGAGUGAAAGAGAACCUGAAACCGUGGACUUACAAGCAGUCAUGGCACCUUAUGCG
UGUUAUGGCGUGCCUAUUGAAGCAUGAGCCGGCGACUUAGACCUGACGUGCGAGCUUAAGUUGAAAAACGGAGGCGGAGC
GAAAGCGAGUCCGAAUAGGGCGGCAUUAGUACGUCGGGCUAGACUCGAAACCAGGUGAGCUAAGCAUGACCAGGUUGAAA
CCCCCGUGACAGGGGGCGGAGGACCGAACCGGUGCCUGCUGAAACAGUCUCGGAUGAGUUGUGUUUAGGAGUGAAAAGCU
AACCGAACCUGGAGAUAGCUAGUUCUCCCCGAAAUGUAUUGAGGUACAGCCUCGGAUGUUGACCAUGUCCUGUAGAGCAC
UCACAAGGCUAGGGGGCCUACCAGCUUACCAAACCUUAUGAAACUCCGAAGGGGCACGCGUUUAGUCCGGGAGUGAGGCU
GCGAGAGCUAACUUCCGUAGCCGAGAGGGAAACAACCCAGACCAUCAGCUAAGGUCCCUAAAUGAUCGCUCAGUGGUUAA
GGAUGUGUCGUCGCAUAGACAGCCAGGAGGUUGGCUUAGAAGCAGCCACCCUUCAAAGAGUGCGUAAUAGCUCACUGGUC
GAGUGACGAUGCGCCGAAAAUGAUCGGGGCUCAAGUGAUCUACCGAAGCUAUGGAUUCAACUCGCGAAGCGAGUUGUCUG
GUAGGGGAGCGUUCAGUCCGCGGAGAAGCCAUACCGGAAGGAGUGGUGGAGCCGACUGAAGUGCGGAUGCCGGCAUGAGU
AACGAUAAAAGAAGUGAGAAUCUUCUUCGCCGUAAGGACAAGGGUUCCUGGGGAAGGGUCGUCCGCCCAGGGAAAGUCGG
GACCUAAGGUGAGGCCGAACGGCGCAGCCGAUGGACAGCAGGUCAAGAUUCCUGCACCGAUCAUGUGGAGUGAUGGAGGG
ACGCAUUACGCUAUCCAAUGCCAAGCUAUGGCUAUGCUGGUUGGUACGCUCAAGGGCGAUCGGGUCAGAAAAUCUACCGG
UCACAUGCCUCAGACGUAUCGGGAGCUUCCUCGGAAGCGAAGUUGGAAACGCGACGGUGCCAAGAAAAGCUUCUAAACGU
UGAAACAUGAUUGCCCGUACCGCAAACCGACACAGGUGUCCGAGUGUCAAUGCACUAAGGCGCGCGAGAGAACCCUCGUU
AAGGAACUUUGCAAUCUCACCCCGUAACUUCGGAAGAAGGGGUCCCCACGCUUCGCGUGGGGCGCAGUGAAUAGGCCCAG
GCGACUGUUUACCAAAAUCACAGCACUCUGCCAACACGAACAGUGGACGUAUAGGGUGUGACGCCUGCCCGGUGCCGGAA
GGUCAAGUGGAGCGGUGCAAGCUGCGAAAUGAAGCCCCGGUGAACGGCGGCCGUAACUAUAACGGUCCUAAGGUAGCGAA
AUUCCUUGUCGGGUAAGUUCCGACCUGCACGAAAGGCGUAACGAUCUGGGCGCUGUCUCAACGAGGGACUCGGUGAAAUU
GAAUUGGCUGUAAAGAUGCGGCCUACCCGUAGCAGGACGAAAAGACCCCGUGGAGCUUUACUAUAGUCUGGCAUUGGGAU
UCGGGUUUCUCUGCGUAGGAUAGGUGGGAGCCUGCGAAACUGGCCUUUUGGGGUCGGUGGAGGCAACGGUGAAAUACCAC
CCUGAGAAACUUGGAUUUCUAACCUGAAAAAUCACUUUCGGGGACCGUGCUUGGCGGGUAGUUUGACUGGGGCGGUCGCC
UCCCAAAAUGUAACGGAGGCGCCCAAAGGUCACCUCAAGACGGUUGGAAAUCGUCUGUAGAGCGCAAAGGUAGAAGGUGG
CUUGACUGCGAGACUGACACGUCGAGCAGGGAGGAAACUCGGGCUUAGUGAACCGGUGGUACCGUGUGGAAGGGCCAUCG
AUCAACGGAUAAAAGUUACCCCGGGGAUAACAGGCUGAUCUCCCCCGAGAGUCCAUAUCGGCGGGGAGGUUUGGCACCUC
GAUGUCGGCUCGUCGCAUCCUGGGGCUGAAGAAGGUCCCAAGGGUUGGGCUGUUCGCCCAUUAAAGCGGCACGCGAGCUG
GGUUCAGAACGUCGUGAGACAGUUCGGUCUCUAUCCGCUACGGGCGCAGGAGAAUUGAGGGGAGUUGCUCCUAGUACGAG
AGGACCGGAGUGAACGGACCGCUGGUCUCCCUGCUGUCGUACCAACGGCACAUGCAGGGUAGCUAUGUCCGGAACGGAUA
ACCGCUGAAAGCAUCUAAGCGGGAAGCCAGCCCCAAGAUGAGUUCUCCCACUGUUUAUCAGGUAAGACUCCCGGAAGACC
ACCGGGUUAAGAGGCCAGGCGUGCACGCAUAGCAAUGUGUUCAGCGGACUGGUGCUCAUCAGUCGAGGUCUUGACCACUC
;
0
2 'polyribonucleotide'
;ACACCCCCGUGCCCAUAGCACUGUGGAACCACCCCACCCCAUGCCGAACUGGGUCGUGAAACACAGCAGCGCCAAUGAUA
CUCGGACCGCAGGGUCCCGGAAAAGUCGGUCAGCGCGGGGGUUU
;
9
3 'polypeptide(L)'
;MLLPKRTKFRKQFRGRMTGDAKGGDYVAFGDYGLIAMEPAWIKSNQIEACRIVMSRHFRRGGKIYIRIFPDKPVTKKPAE
TRMGKGKGAVEYWVSVVKPGRVMFEVAGVTEEQAKEAFRLAGHKLPIQTKMVKREVYDEAQ
;
K
4 'polypeptide(L)'
;MAHKKGVGSSKNGRDSNPKYLGVKKFGGEVVKAGNILVRQRGTKFKAGQGVGMGRDHTLFALSDGKVVFINKGKGARFIS
IEAAQTEVAAD
;
U
5 'polypeptide(L)'
;MISDIRKDAEVRMDKCVEAFKTQISKIRTGGGGTEERRKDLTKIVRGEAEQARVAVRNVRRDANDKVKALLKDKEISEDD
DRRSQDDVQKLTDAAIKKIEAALADKEAELMQF
;
8
#
loop_
_chem_comp.id
_chem_comp.type
_chem_comp.name
_chem_comp.formula
A RNA linking ADENOSINE-5'-MONOPHOSPHATE 'C10 H14 N5 O7 P'
C RNA linking CYTIDINE-5'-MONOPHOSPHATE 'C9 H14 N3 O8 P'
G RNA linking GUANOSINE-5'-MONOPHOSPHATE 'C10 H14 N5 O8 P'
U RNA linking URIDINE-5'-MONOPHOSPHATE 'C9 H13 N2 O9 P'
#
# COMPACT_ATOMS: atom_id res chain seq x y z
N LYS C 5 -3.91 -9.56 6.74
CA LYS C 5 -4.61 -8.30 6.41
C LYS C 5 -3.61 -7.22 5.98
N ARG C 6 -2.73 -6.84 6.90
CA ARG C 6 -1.72 -5.83 6.62
C ARG C 6 -0.31 -6.39 6.74
N THR C 7 0.63 -5.79 6.03
CA THR C 7 2.02 -6.24 6.05
C THR C 7 2.76 -5.65 7.25
N LYS C 8 3.98 -6.13 7.49
CA LYS C 8 4.79 -5.65 8.59
C LYS C 8 5.94 -4.78 8.09
N PHE C 9 6.69 -5.28 7.12
CA PHE C 9 7.81 -4.55 6.56
C PHE C 9 8.06 -4.93 5.11
N ARG C 10 7.96 -3.95 4.22
CA ARG C 10 8.18 -4.18 2.79
C ARG C 10 9.00 -3.05 2.18
N LYS C 11 9.15 -3.07 0.86
CA LYS C 11 9.92 -2.06 0.15
C LYS C 11 9.05 -0.85 -0.17
N GLN C 12 9.40 -0.14 -1.23
CA GLN C 12 8.66 1.04 -1.65
C GLN C 12 7.49 0.69 -2.56
N PHE C 13 7.80 0.41 -3.83
CA PHE C 13 6.77 0.05 -4.80
C PHE C 13 6.99 -1.35 -5.36
N ARG C 14 6.06 -1.80 -6.19
CA ARG C 14 6.15 -3.12 -6.80
C ARG C 14 5.77 -3.05 -8.28
N GLY C 15 5.33 -4.19 -8.82
CA GLY C 15 4.96 -4.23 -10.22
C GLY C 15 3.60 -4.88 -10.43
N ARG C 16 3.21 -5.06 -11.68
CA ARG C 16 1.93 -5.66 -12.01
C ARG C 16 1.99 -6.40 -13.35
N MET C 17 1.44 -7.60 -13.38
CA MET C 17 1.44 -8.42 -14.59
C MET C 17 0.51 -9.61 -14.43
N THR C 18 -0.18 -9.98 -15.51
CA THR C 18 -1.10 -11.10 -15.50
C THR C 18 -0.42 -12.37 -16.03
N GLY C 19 -0.16 -13.30 -15.12
CA GLY C 19 0.48 -14.54 -15.52
C GLY C 19 -0.34 -15.77 -15.17
N ASP C 20 0.08 -16.93 -15.68
CA ASP C 20 -0.64 -18.17 -15.42
C ASP C 20 -0.56 -18.55 -13.94
N ALA C 21 -1.42 -19.48 -13.53
CA ALA C 21 -1.45 -19.93 -12.15
C ALA C 21 -0.41 -21.01 -11.90
N LYS C 22 0.23 -20.96 -10.73
CA LYS C 22 1.25 -21.93 -10.37
C LYS C 22 0.74 -22.88 -9.28
N GLY C 23 -0.49 -22.66 -8.85
CA GLY C 23 -1.08 -23.50 -7.82
C GLY C 23 -2.41 -24.08 -8.23
N GLY C 24 -2.39 -25.20 -8.94
CA GLY C 24 -3.61 -25.82 -9.39
C GLY C 24 -4.23 -26.70 -8.31
N ASP C 25 -4.32 -26.16 -7.09
CA ASP C 25 -4.89 -26.90 -5.97
C ASP C 25 -6.36 -26.51 -5.76
N TYR C 26 -7.20 -27.52 -5.57
CA TYR C 26 -8.63 -27.30 -5.36
C TYR C 26 -8.98 -27.39 -3.88
N VAL C 27 -8.59 -28.49 -3.25
CA VAL C 27 -8.86 -28.70 -1.83
C VAL C 27 -7.63 -28.42 -0.99
N ALA C 28 -7.81 -27.60 0.05
CA ALA C 28 -6.71 -27.25 0.94
C ALA C 28 -7.23 -26.95 2.34
N PHE C 29 -6.87 -27.83 3.29
CA PHE C 29 -7.29 -27.67 4.68
C PHE C 29 -8.81 -27.58 4.78
N GLY C 30 -9.49 -28.64 4.34
CA GLY C 30 -10.94 -28.65 4.39
C GLY C 30 -11.55 -29.60 3.37
N ASP C 31 -12.75 -29.26 2.91
CA ASP C 31 -13.44 -30.08 1.92
C ASP C 31 -13.77 -29.28 0.67
N TYR C 32 -14.63 -28.27 0.83
CA TYR C 32 -15.01 -27.43 -0.29
C TYR C 32 -13.99 -26.31 -0.52
N GLY C 33 -14.18 -25.55 -1.59
CA GLY C 33 -13.26 -24.47 -1.90
C GLY C 33 -13.94 -23.34 -2.66
N LEU C 34 -13.13 -22.49 -3.29
CA LEU C 34 -13.66 -21.36 -4.05
C LEU C 34 -12.64 -20.94 -5.10
N ILE C 35 -12.97 -21.15 -6.37
CA ILE C 35 -12.09 -20.79 -7.48
C ILE C 35 -12.75 -19.75 -8.38
N ALA C 36 -11.98 -18.75 -8.79
CA ALA C 36 -12.48 -17.69 -9.66
C ALA C 36 -12.63 -18.19 -11.08
N MET C 37 -13.01 -17.29 -11.98
CA MET C 37 -13.19 -17.63 -13.39
C MET C 37 -12.38 -16.70 -14.29
N GLU C 38 -12.33 -15.43 -13.92
CA GLU C 38 -11.59 -14.43 -14.69
C GLU C 38 -10.71 -13.59 -13.79
N PRO C 39 -9.51 -13.21 -14.27
CA PRO C 39 -8.56 -12.39 -13.50
C PRO C 39 -9.19 -11.13 -12.95
N ALA C 40 -8.82 -10.77 -11.73
CA ALA C 40 -9.35 -9.57 -11.08
C ALA C 40 -8.43 -9.10 -9.97
N TRP C 41 -8.60 -7.85 -9.54
CA TRP C 41 -7.79 -7.28 -8.48
C TRP C 41 -8.51 -7.36 -7.13
N ILE C 42 -8.07 -8.28 -6.29
CA ILE C 42 -8.68 -8.46 -4.98
C ILE C 42 -8.04 -7.53 -3.96
N LYS C 43 -8.77 -6.49 -3.57
CA LYS C 43 -8.28 -5.53 -2.59
C LYS C 43 -8.34 -6.10 -1.18
N SER C 44 -7.38 -5.70 -0.34
CA SER C 44 -7.32 -6.18 1.03
C SER C 44 -8.56 -5.74 1.82
N ASN C 45 -9.28 -4.77 1.28
CA ASN C 45 -10.48 -4.26 1.93
C ASN C 45 -11.69 -5.14 1.62
N GLN C 46 -11.42 -6.32 1.08
CA GLN C 46 -12.48 -7.26 0.73
C GLN C 46 -12.37 -8.54 1.56
N ILE C 47 -11.15 -8.94 1.87
CA ILE C 47 -10.92 -10.15 2.66
C ILE C 47 -11.58 -10.04 4.02
N GLU C 48 -11.34 -8.93 4.71
CA GLU C 48 -11.92 -8.70 6.02
C GLU C 48 -13.40 -8.34 5.91
N ALA C 49 -13.78 -7.78 4.77
CA ALA C 49 -15.17 -7.40 4.53
C ALA C 49 -16.07 -8.63 4.45
N CYS C 50 -15.59 -9.66 3.74
CA CYS C 50 -16.35 -10.89 3.59
C CYS C 50 -16.11 -11.83 4.75
N ARG C 51 -15.07 -11.53 5.55
CA ARG C 51 -14.74 -12.35 6.70
C ARG C 51 -15.87 -12.35 7.71
N ILE C 52 -16.35 -11.17 8.06
CA ILE C 52 -17.44 -11.03 9.02
C ILE C 52 -18.74 -11.60 8.46
N VAL C 53 -18.83 -11.68 7.13
CA VAL C 53 -20.01 -12.22 6.47
C VAL C 53 -20.10 -13.72 6.66
N MET C 54 -18.96 -14.39 6.61
CA MET C 54 -18.91 -15.84 6.77
C MET C 54 -18.83 -16.21 8.25
N SER C 55 -18.84 -15.20 9.11
CA SER C 55 -18.78 -15.42 10.55
C SER C 55 -20.17 -15.34 11.18
N ARG C 56 -21.01 -14.47 10.63
CA ARG C 56 -22.36 -14.29 11.14
C ARG C 56 -23.28 -15.43 10.67
N HIS C 57 -22.77 -16.23 9.73
CA HIS C 57 -23.54 -17.35 9.21
C HIS C 57 -23.11 -18.66 9.88
N PHE C 58 -21.87 -18.69 10.36
CA PHE C 58 -21.34 -19.87 11.03
C PHE C 58 -21.47 -19.75 12.54
N ARG C 59 -22.22 -20.66 13.15
CA ARG C 59 -22.43 -20.65 14.60
C ARG C 59 -21.65 -21.78 15.26
N ARG C 60 -20.59 -21.41 15.99
CA ARG C 60 -19.76 -22.38 16.68
C ARG C 60 -19.22 -23.43 15.71
N GLY C 61 -18.08 -23.14 15.09
CA GLY C 61 -17.47 -24.06 14.17
C GLY C 61 -17.31 -23.47 12.78
N GLY C 62 -16.55 -22.39 12.69
CA GLY C 62 -16.33 -21.74 11.41
C GLY C 62 -14.90 -21.27 11.23
N LYS C 63 -14.07 -22.13 10.65
CA LYS C 63 -12.66 -21.80 10.43
C LYS C 63 -12.39 -21.61 8.94
N ILE C 64 -11.59 -20.59 8.62
CA ILE C 64 -11.23 -20.30 7.24
C ILE C 64 -9.73 -20.10 7.09
N TYR C 65 -9.14 -20.78 6.12
CA TYR C 65 -7.71 -20.68 5.87
C TYR C 65 -7.43 -19.74 4.71
N ILE C 66 -7.37 -18.44 5.00
CA ILE C 66 -7.12 -17.43 3.98
C ILE C 66 -5.64 -17.38 3.63
N ARG C 67 -5.32 -17.65 2.37
CA ARG C 67 -3.94 -17.64 1.90
C ARG C 67 -3.77 -16.68 0.73
N ILE C 68 -4.76 -15.82 0.53
CA ILE C 68 -4.72 -14.84 -0.56
C ILE C 68 -4.27 -13.48 -0.06
N PHE C 69 -3.33 -13.49 0.88
CA PHE C 69 -2.80 -12.25 1.44
C PHE C 69 -2.22 -11.36 0.35
N PRO C 70 -2.69 -10.10 0.26
CA PRO C 70 -2.22 -9.14 -0.74
C PRO C 70 -0.73 -8.85 -0.63
N ASP C 71 -0.03 -8.93 -1.75
CA ASP C 71 1.40 -8.67 -1.79
C ASP C 71 1.78 -7.87 -3.04
N LYS C 72 0.90 -6.96 -3.44
CA LYS C 72 1.13 -6.14 -4.61
C LYS C 72 0.86 -4.66 -4.33
N PRO C 73 1.65 -4.05 -3.44
CA PRO C 73 1.49 -2.64 -3.08
C PRO C 73 1.46 -1.72 -4.31
N VAL C 74 0.49 -0.82 -4.34
CA VAL C 74 0.35 0.12 -5.45
C VAL C 74 0.34 1.56 -4.95
N THR C 75 0.16 2.49 -5.89
CA THR C 75 0.12 3.92 -5.56
C THR C 75 -1.31 4.42 -5.46
N LYS C 76 -1.47 5.70 -5.11
CA LYS C 76 -2.79 6.29 -4.99
C LYS C 76 -2.83 7.66 -5.66
N LYS C 77 -3.94 7.96 -6.32
CA LYS C 77 -4.12 9.23 -7.01
C LYS C 77 -4.15 10.38 -6.00
N PRO C 78 -3.35 11.44 -6.24
CA PRO C 78 -3.28 12.61 -5.38
C PRO C 78 -4.63 13.29 -5.17
N ALA C 79 -4.70 14.58 -5.50
CA ALA C 79 -5.93 15.35 -5.35
C ALA C 79 -5.82 16.70 -6.03
N GLU C 80 -4.82 16.86 -6.90
CA GLU C 80 -4.61 18.10 -7.62
C GLU C 80 -3.88 17.88 -8.95
N THR C 81 -2.56 17.81 -8.89
CA THR C 81 -1.76 17.60 -10.09
C THR C 81 -0.79 16.44 -9.90
N ARG C 82 -0.88 15.45 -10.78
CA ARG C 82 -0.01 14.28 -10.72
C ARG C 82 1.25 14.47 -11.55
N MET C 83 1.95 15.58 -11.32
CA MET C 83 3.18 15.88 -12.04
C MET C 83 4.33 16.08 -11.07
N GLY C 84 5.36 15.24 -11.18
CA GLY C 84 6.50 15.36 -10.30
C GLY C 84 7.10 14.01 -9.96
N LYS C 85 7.44 13.81 -8.69
CA LYS C 85 8.03 12.56 -8.24
C LYS C 85 6.97 11.46 -8.18
N GLY C 86 7.29 10.39 -7.46
CA GLY C 86 6.36 9.28 -7.33
C GLY C 86 5.13 9.64 -6.52
N LYS C 87 4.31 8.64 -6.22
CA LYS C 87 3.09 8.85 -5.45
C LYS C 87 3.20 8.21 -4.07
N GLY C 88 2.14 8.35 -3.28
CA GLY C 88 2.14 7.78 -1.94
C GLY C 88 1.74 6.32 -1.95
N ALA C 89 2.59 5.48 -1.33
CA ALA C 89 2.33 4.05 -1.27
C ALA C 89 1.54 3.70 -0.02
N VAL C 90 0.66 4.60 0.40
CA VAL C 90 -0.16 4.39 1.58
C VAL C 90 -1.65 4.46 1.23
N GLU C 91 -2.25 3.30 1.01
CA GLU C 91 -3.67 3.21 0.67
C GLU C 91 -4.19 1.81 0.90
N TYR C 92 -4.06 0.94 -0.10
CA TYR C 92 -4.52 -0.44 0.02
C TYR C 92 -3.57 -1.41 -0.68
N TRP C 93 -3.78 -2.70 -0.47
CA TRP C 93 -2.94 -3.73 -1.07
C TRP C 93 -3.80 -4.79 -1.76
N VAL C 94 -3.39 -5.18 -2.96
CA VAL C 94 -4.12 -6.19 -3.72
C VAL C 94 -3.24 -7.39 -4.02
N SER C 95 -3.81 -8.37 -4.74
CA SER C 95 -3.07 -9.58 -5.10
C SER C 95 -3.69 -10.23 -6.33
N VAL C 96 -2.85 -10.45 -7.34
CA VAL C 96 -3.30 -11.06 -8.59
C VAL C 96 -3.79 -12.48 -8.34
N VAL C 97 -5.04 -12.74 -8.73
CA VAL C 97 -5.64 -14.06 -8.55
C VAL C 97 -5.96 -14.70 -9.90
N LYS C 98 -5.08 -15.59 -10.36
CA LYS C 98 -5.26 -16.27 -11.62
C LYS C 98 -6.29 -17.40 -11.49
N PRO C 99 -7.31 -17.40 -12.35
CA PRO C 99 -8.37 -18.43 -12.32
C PRO C 99 -7.81 -19.84 -12.26
N GLY C 100 -7.91 -20.45 -11.08
CA GLY C 100 -7.42 -21.81 -10.90
C GLY C 100 -6.96 -22.07 -9.48
N ARG C 101 -6.96 -21.02 -8.66
CA ARG C 101 -6.54 -21.14 -7.27
C ARG C 101 -7.75 -21.05 -6.33
N VAL C 102 -7.49 -21.17 -5.04
CA VAL C 102 -8.56 -21.11 -4.04
C VAL C 102 -8.39 -19.88 -3.14
N MET C 103 -9.50 -19.18 -2.90
CA MET C 103 -9.49 -17.99 -2.07
C MET C 103 -10.29 -18.20 -0.79
N PHE C 104 -11.31 -19.04 -0.89
CA PHE C 104 -12.18 -19.33 0.26
C PHE C 104 -12.40 -20.83 0.40
N GLU C 105 -12.38 -21.32 1.64
CA GLU C 105 -12.58 -22.73 1.92
C GLU C 105 -12.85 -22.96 3.41
N VAL C 106 -13.78 -23.87 3.70
CA VAL C 106 -14.14 -24.19 5.08
C VAL C 106 -14.26 -25.69 5.28
N ALA C 107 -14.58 -26.10 6.50
CA ALA C 107 -14.74 -27.51 6.83
C ALA C 107 -15.53 -27.68 8.12
N GLY C 108 -16.46 -28.63 8.11
CA GLY C 108 -17.27 -28.88 9.29
C GLY C 108 -18.74 -28.58 9.05
N VAL C 109 -19.01 -27.49 8.37
CA VAL C 109 -20.40 -27.09 8.06
C VAL C 109 -21.04 -28.07 7.10
N THR C 110 -22.38 -28.03 7.05
CA THR C 110 -23.13 -28.91 6.16
C THR C 110 -23.13 -28.38 4.74
N GLU C 111 -23.84 -29.07 3.85
CA GLU C 111 -23.93 -28.67 2.45
C GLU C 111 -24.73 -27.37 2.31
N GLU C 112 -25.86 -27.31 3.00
CA GLU C 112 -26.71 -26.12 2.96
C GLU C 112 -26.00 -24.91 3.56
N GLN C 113 -25.13 -25.17 4.52
CA GLN C 113 -24.37 -24.11 5.18
C GLN C 113 -23.06 -23.84 4.45
N ALA C 114 -22.94 -24.37 3.24
CA ALA C 114 -21.74 -24.19 2.45
C ALA C 114 -22.08 -23.61 1.08
N LYS C 115 -23.10 -24.16 0.44
CA LYS C 115 -23.54 -23.69 -0.87
C LYS C 115 -24.02 -22.25 -0.80
N GLU C 116 -24.50 -21.85 0.37
CA GLU C 116 -25.00 -20.49 0.56
C GLU C 116 -23.92 -19.60 1.19
N ALA C 117 -23.01 -20.22 1.93
CA ALA C 117 -21.93 -19.50 2.60
C ALA C 117 -21.05 -18.78 1.57
N PHE C 118 -20.62 -19.53 0.56
CA PHE C 118 -19.76 -18.97 -0.48
C PHE C 118 -20.59 -18.19 -1.49
N ARG C 119 -21.91 -18.37 -1.44
CA ARG C 119 -22.81 -17.68 -2.35
C ARG C 119 -22.99 -16.22 -1.94
N LEU C 120 -23.19 -16.00 -0.65
CA LEU C 120 -23.38 -14.66 -0.12
C LEU C 120 -22.14 -13.79 -0.37
N ALA C 121 -20.99 -14.30 0.07
CA ALA C 121 -19.73 -13.58 -0.10
C ALA C 121 -19.17 -13.80 -1.50
N GLY C 122 -19.76 -13.10 -2.47
CA GLY C 122 -19.31 -13.24 -3.85
C GLY C 122 -19.83 -12.14 -4.74
N HIS C 123 -20.77 -11.35 -4.23
CA HIS C 123 -21.35 -10.25 -4.99
C HIS C 123 -20.38 -9.09 -5.10
N LYS C 124 -19.53 -8.92 -4.09
CA LYS C 124 -18.55 -7.84 -4.08
C LYS C 124 -17.32 -8.21 -4.89
N LEU C 125 -17.31 -9.42 -5.43
CA LEU C 125 -16.19 -9.90 -6.23
C LEU C 125 -16.29 -9.41 -7.68
N PRO C 126 -15.25 -8.72 -8.16
CA PRO C 126 -15.22 -8.18 -9.52
C PRO C 126 -15.56 -9.23 -10.59
N ILE C 127 -15.26 -10.49 -10.28
CA ILE C 127 -15.55 -11.59 -11.20
C ILE C 127 -16.41 -12.67 -10.56
N GLN C 128 -16.71 -13.71 -11.33
CA GLN C 128 -17.53 -14.81 -10.84
C GLN C 128 -16.66 -15.95 -10.32
N THR C 129 -17.19 -16.72 -9.38
CA THR C 129 -16.46 -17.84 -8.80
C THR C 129 -17.33 -19.09 -8.75
N LYS C 130 -16.74 -20.21 -8.34
CA LYS C 130 -17.45 -21.47 -8.25
C LYS C 130 -16.96 -22.29 -7.06
N MET C 131 -17.55 -23.46 -6.86
CA MET C 131 -17.17 -24.34 -5.77
C MET C 131 -16.55 -25.63 -6.29
N VAL C 132 -15.87 -26.36 -5.40
CA VAL C 132 -15.23 -27.62 -5.77
C VAL C 132 -15.62 -28.73 -4.81
N LYS C 133 -14.99 -29.89 -4.98
CA LYS C 133 -15.27 -31.05 -4.13
C LYS C 133 -14.08 -31.99 -4.08
N ARG C 134 -14.35 -33.28 -3.88
CA ARG C 134 -13.31 -34.28 -3.81
C ARG C 134 -12.65 -34.50 -5.17
N GLU C 135 -12.08 -35.69 -5.36
CA GLU C 135 -11.42 -36.03 -6.62
C GLU C 135 -10.31 -35.05 -6.94
N VAL C 136 -9.57 -34.64 -5.91
CA VAL C 136 -8.46 -33.70 -6.09
C VAL C 136 -7.20 -34.22 -5.41
N TYR C 137 -6.28 -34.74 -6.20
CA TYR C 137 -5.02 -35.27 -5.68
C TYR C 137 -3.84 -34.80 -6.53
N ASP C 138 -2.79 -34.33 -5.85
CA ASP C 138 -1.60 -33.84 -6.54
C ASP C 138 -0.35 -34.57 -6.05
N GLU C 139 0.05 -34.27 -4.81
CA GLU C 139 1.23 -34.90 -4.23
C GLU C 139 0.97 -35.30 -2.78
N ALA C 140 1.96 -35.90 -2.14
CA ALA C 140 1.84 -36.34 -0.76
C ALA C 140 2.07 -35.16 0.20
N ALA D 2 19.60 29.99 6.82
CA ALA D 2 19.65 28.79 7.66
C ALA D 2 18.25 28.24 7.90
N HIS D 3 18.18 26.98 8.31
CA HIS D 3 16.90 26.33 8.57
C HIS D 3 17.00 25.17 9.54
N LYS D 4 15.84 24.57 9.71
CA LYS D 4 15.72 23.50 10.65
C LYS D 4 15.05 22.25 10.06
N LYS D 5 15.43 21.91 8.84
CA LYS D 5 14.78 20.78 8.18
C LYS D 5 15.76 20.01 7.32
N GLY D 6 16.06 20.59 6.16
CA GLY D 6 16.98 19.95 5.24
C GLY D 6 17.19 20.77 3.98
N VAL D 7 18.34 20.59 3.33
CA VAL D 7 18.67 21.31 2.11
C VAL D 7 17.98 20.67 0.91
N GLY D 8 17.62 19.39 1.04
CA GLY D 8 16.97 18.69 -0.05
C GLY D 8 16.05 17.59 0.44
N SER D 9 15.02 17.28 -0.35
CA SER D 9 14.06 16.24 0.01
C SER D 9 14.72 14.86 -0.07
N SER D 10 14.42 14.01 0.91
CA SER D 10 14.98 12.67 0.96
C SER D 10 14.23 11.74 0.00
N LYS D 11 14.54 10.45 0.07
CA LYS D 11 13.90 9.45 -0.78
C LYS D 11 14.11 9.78 -2.26
N ASN D 12 15.21 9.29 -2.82
CA ASN D 12 15.50 9.53 -4.23
C ASN D 12 15.30 8.26 -5.05
N GLY D 13 15.71 8.32 -6.32
CA GLY D 13 15.56 7.18 -7.20
C GLY D 13 16.01 7.48 -8.62
N ARG D 14 16.60 8.65 -8.80
CA ARG D 14 17.12 9.07 -10.10
C ARG D 14 18.64 8.86 -10.20
N ASP D 15 19.23 9.16 -11.39
CA ASP D 15 20.68 9.11 -11.63
C ASP D 15 21.30 7.73 -11.76
N SER D 16 21.37 7.20 -12.99
CA SER D 16 21.92 5.87 -13.24
C SER D 16 23.41 5.86 -13.63
N ASN D 17 23.93 4.74 -14.19
CA ASN D 17 25.34 4.62 -14.58
C ASN D 17 25.52 3.86 -15.92
N PRO D 18 26.44 4.33 -16.80
CA PRO D 18 26.67 3.58 -18.09
C PRO D 18 27.22 2.19 -17.86
N LYS D 19 26.48 1.12 -17.99
CA LYS D 19 27.28 -0.06 -17.72
C LYS D 19 27.72 -0.79 -18.97
N TYR D 20 28.28 -1.94 -18.73
CA TYR D 20 28.77 -2.76 -19.78
C TYR D 20 29.17 -4.11 -19.27
N LEU D 21 30.31 -4.52 -19.80
CA LEU D 21 30.85 -5.81 -19.48
C LEU D 21 30.15 -6.76 -20.41
N GLY D 22 30.29 -8.04 -20.22
CA GLY D 22 29.73 -8.92 -21.20
C GLY D 22 30.90 -9.59 -21.93
N VAL D 23 30.63 -10.24 -23.07
CA VAL D 23 31.61 -11.02 -23.83
C VAL D 23 31.97 -10.34 -25.14
N LYS D 24 33.25 -10.29 -25.45
CA LYS D 24 33.73 -9.68 -26.68
C LYS D 24 33.99 -10.74 -27.75
N LYS D 25 34.84 -11.71 -27.42
CA LYS D 25 35.17 -12.78 -28.34
C LYS D 25 34.52 -14.09 -27.89
N PHE D 26 33.86 -14.78 -28.82
CA PHE D 26 33.19 -16.03 -28.51
C PHE D 26 33.92 -17.22 -29.14
N GLY D 27 33.38 -18.41 -28.93
CA GLY D 27 33.98 -19.61 -29.48
C GLY D 27 34.12 -19.56 -30.99
N GLY D 28 35.26 -20.05 -31.49
CA GLY D 28 35.49 -20.06 -32.92
C GLY D 28 35.96 -18.71 -33.44
N GLU D 29 36.80 -18.04 -32.64
CA GLU D 29 37.32 -16.74 -33.02
C GLU D 29 38.84 -16.76 -33.09
N VAL D 30 39.38 -16.32 -34.23
CA VAL D 30 40.82 -16.28 -34.42
C VAL D 30 41.39 -14.95 -33.94
N VAL D 31 41.64 -14.85 -32.64
CA VAL D 31 42.17 -13.63 -32.06
C VAL D 31 43.68 -13.57 -32.17
N LYS D 32 44.26 -12.43 -31.79
CA LYS D 32 45.70 -12.23 -31.84
C LYS D 32 46.24 -11.95 -30.44
N ALA D 33 47.53 -12.19 -30.25
CA ALA D 33 48.17 -11.95 -28.95
C ALA D 33 47.83 -10.57 -28.43
N GLY D 34 47.06 -10.52 -27.34
CA GLY D 34 46.69 -9.24 -26.76
C GLY D 34 45.29 -8.82 -27.16
N ASN D 35 44.41 -9.80 -27.34
CA ASN D 35 43.03 -9.53 -27.73
C ASN D 35 42.08 -9.83 -26.58
N ILE D 36 41.28 -8.85 -26.20
CA ILE D 36 40.31 -9.01 -25.11
C ILE D 36 39.28 -10.06 -25.47
N LEU D 37 39.04 -10.99 -24.55
CA LEU D 37 38.07 -12.06 -24.78
C LEU D 37 36.73 -11.72 -24.12
N VAL D 38 36.71 -11.68 -22.79
CA VAL D 38 35.49 -11.38 -22.06
C VAL D 38 35.78 -10.46 -20.87
N ARG D 39 34.94 -9.43 -20.72
CA ARG D 39 35.08 -8.49 -19.63
C ARG D 39 34.16 -8.86 -18.46
N GLN D 40 34.62 -8.58 -17.24
CA GLN D 40 33.84 -8.88 -16.05
C GLN D 40 34.38 -8.14 -14.84
N ARG D 41 33.88 -8.49 -13.66
CA ARG D 41 34.32 -7.85 -12.42
C ARG D 41 34.58 -8.91 -11.35
N GLY D 42 33.84 -10.00 -11.43
CA GLY D 42 34.02 -11.07 -10.46
C GLY D 42 34.86 -12.21 -11.04
N THR D 43 34.26 -13.40 -11.10
CA THR D 43 34.95 -14.56 -11.65
C THR D 43 33.97 -15.52 -12.29
N LYS D 44 33.40 -15.10 -13.42
CA LYS D 44 32.44 -15.92 -14.15
C LYS D 44 33.18 -16.86 -15.10
N PHE D 45 34.19 -16.31 -15.76
CA PHE D 45 35.00 -17.09 -16.70
C PHE D 45 36.47 -17.02 -16.32
N LYS D 46 37.02 -18.14 -15.85
CA LYS D 46 38.41 -18.20 -15.44
C LYS D 46 39.33 -18.36 -16.65
N ALA D 47 40.59 -18.00 -16.48
CA ALA D 47 41.57 -18.10 -17.55
C ALA D 47 41.91 -19.56 -17.83
N GLY D 48 42.10 -19.88 -19.10
CA GLY D 48 42.44 -21.25 -19.47
C GLY D 48 43.88 -21.38 -19.94
N GLN D 49 44.13 -22.37 -20.78
CA GLN D 49 45.48 -22.60 -21.31
C GLN D 49 45.81 -21.56 -22.37
N GLY D 50 46.84 -20.75 -22.10
CA GLY D 50 47.24 -19.74 -23.05
C GLY D 50 46.41 -18.48 -22.92
N VAL D 51 45.92 -18.22 -21.71
CA VAL D 51 45.10 -17.05 -21.44
C VAL D 51 45.47 -16.43 -20.10
N GLY D 52 45.51 -15.10 -20.05
CA GLY D 52 45.86 -14.42 -18.81
C GLY D 52 44.70 -13.62 -18.24
N MET D 53 44.88 -13.12 -17.03
CA MET D 53 43.85 -12.33 -16.36
C MET D 53 44.35 -10.91 -16.05
N GLY D 54 43.51 -9.92 -16.35
CA GLY D 54 43.88 -8.55 -16.10
C GLY D 54 43.53 -8.08 -14.70
N ARG D 55 43.66 -6.77 -14.46
CA ARG D 55 43.35 -6.19 -13.16
C ARG D 55 41.90 -6.45 -12.80
N ASP D 56 40.98 -5.87 -13.57
CA ASP D 56 39.56 -6.04 -13.33
C ASP D 56 39.06 -7.35 -13.95
N HIS D 57 39.92 -8.37 -13.91
CA HIS D 57 39.58 -9.68 -14.47
C HIS D 57 39.22 -9.58 -15.93
N THR D 58 40.23 -9.43 -16.78
CA THR D 58 40.02 -9.33 -18.22
C THR D 58 40.78 -10.44 -18.96
N LEU D 59 40.07 -11.47 -19.36
CA LEU D 59 40.68 -12.59 -20.07
C LEU D 59 41.19 -12.15 -21.44
N PHE D 60 42.50 -12.12 -21.59
CA PHE D 60 43.11 -11.70 -22.84
C PHE D 60 43.86 -12.87 -23.51
N ALA D 61 44.13 -12.73 -24.80
CA ALA D 61 44.84 -13.76 -25.54
C ALA D 61 46.35 -13.68 -25.33
N LEU D 62 46.92 -14.72 -24.74
CA LEU D 62 48.34 -14.77 -24.48
C LEU D 62 49.12 -15.00 -25.78
N SER D 63 48.44 -15.55 -26.78
CA SER D 63 49.06 -15.82 -28.07
C SER D 63 48.00 -16.07 -29.13
N ASP D 64 48.40 -16.02 -30.40
CA ASP D 64 47.49 -16.24 -31.51
C ASP D 64 46.97 -17.68 -31.52
N GLY D 65 45.67 -17.83 -31.67
CA GLY D 65 45.06 -19.16 -31.69
C GLY D 65 43.58 -19.13 -31.94
N LYS D 66 42.86 -20.07 -31.33
CA LYS D 66 41.41 -20.15 -31.50
C LYS D 66 40.71 -20.15 -30.13
N VAL D 67 39.84 -19.17 -29.93
CA VAL D 67 39.11 -19.05 -28.67
C VAL D 67 38.13 -20.20 -28.49
N VAL D 68 38.25 -20.90 -27.37
CA VAL D 68 37.38 -22.02 -27.06
C VAL D 68 36.87 -21.94 -25.63
N PHE D 69 35.58 -22.20 -25.44
CA PHE D 69 34.97 -22.15 -24.12
C PHE D 69 34.76 -23.56 -23.56
N ILE D 70 34.98 -23.70 -22.26
CA ILE D 70 34.81 -24.99 -21.59
C ILE D 70 34.05 -24.82 -20.28
N ASN D 71 33.05 -25.67 -20.07
CA ASN D 71 32.24 -25.63 -18.86
C ASN D 71 32.00 -27.03 -18.31
N LYS D 72 32.01 -27.15 -16.99
CA LYS D 72 31.80 -28.44 -16.34
C LYS D 72 30.45 -28.44 -15.62
N GLY D 73 29.61 -27.47 -15.94
CA GLY D 73 28.31 -27.37 -15.31
C GLY D 73 28.31 -26.34 -14.20
N LYS D 74 28.39 -25.06 -14.58
CA LYS D 74 28.41 -23.96 -13.62
C LYS D 74 29.65 -24.04 -12.72
N GLY D 75 29.64 -23.25 -11.67
CA GLY D 75 30.75 -23.24 -10.73
C GLY D 75 31.94 -22.46 -11.24
N ALA D 76 32.48 -22.88 -12.39
CA ALA D 76 33.62 -22.23 -13.00
C ALA D 76 33.74 -22.59 -14.46
N ARG D 77 33.98 -21.60 -15.31
CA ARG D 77 34.11 -21.82 -16.75
C ARG D 77 35.44 -21.28 -17.27
N PHE D 78 36.33 -22.19 -17.66
CA PHE D 78 37.64 -21.80 -18.17
C PHE D 78 37.58 -21.57 -19.69
N ILE D 79 38.47 -20.72 -20.18
CA ILE D 79 38.51 -20.42 -21.61
C ILE D 79 39.92 -20.62 -22.16
N SER D 80 40.13 -21.73 -22.87
CA SER D 80 41.42 -22.04 -23.45
C SER D 80 41.48 -21.63 -24.92
N ILE D 81 42.69 -21.45 -25.43
CA ILE D 81 42.89 -21.06 -26.82
C ILE D 81 43.79 -22.06 -27.55
N GLU D 82 43.28 -22.63 -28.63
CA GLU D 82 44.04 -23.60 -29.41
C GLU D 82 44.83 -22.91 -30.51
N ALA D 83 46.15 -22.88 -30.35
CA ALA D 83 47.03 -22.25 -31.33
C ALA D 83 46.94 -22.97 -32.67
N ALA D 84 47.16 -22.23 -33.75
CA ALA D 84 47.11 -22.79 -35.10
C ALA D 84 48.44 -23.43 -35.47
N GLN D 85 48.44 -24.22 -36.55
CA GLN D 85 49.64 -24.90 -37.01
C GLN D 85 50.26 -25.74 -35.90
N MET E 1 5.38 16.46 5.28
CA MET E 1 5.23 17.29 6.51
C MET E 1 3.76 17.52 6.85
N ILE E 2 2.92 17.51 5.82
CA ILE E 2 1.49 17.72 6.00
C ILE E 2 0.87 16.59 6.83
N SER E 3 1.51 15.43 6.81
CA SER E 3 1.03 14.28 7.58
C SER E 3 1.30 14.46 9.07
N ASP E 4 2.06 15.50 9.40
CA ASP E 4 2.40 15.79 10.79
C ASP E 4 1.46 16.84 11.36
N ILE E 5 1.17 17.87 10.57
CA ILE E 5 0.29 18.95 11.00
C ILE E 5 -1.17 18.48 10.97
N ARG E 6 -1.49 17.58 10.07
CA ARG E 6 -2.85 17.05 9.94
C ARG E 6 -3.32 16.45 11.26
N LYS E 7 -2.46 15.66 11.88
CA LYS E 7 -2.78 15.03 13.16
C LYS E 7 -2.91 16.07 14.27
N ASP E 8 -1.87 16.87 14.44
CA ASP E 8 -1.86 17.92 15.46
C ASP E 8 -3.08 18.83 15.34
N ALA E 9 -3.62 18.91 14.13
CA ALA E 9 -4.79 19.75 13.88
C ALA E 9 -6.09 19.03 14.22
N GLU E 10 -6.22 17.79 13.75
CA GLU E 10 -7.41 17.00 13.99
C GLU E 10 -7.56 16.60 15.45
N VAL E 11 -6.46 16.18 16.06
CA VAL E 11 -6.47 15.77 17.46
C VAL E 11 -6.99 16.88 18.37
N ARG E 12 -6.32 18.03 18.31
CA ARG E 12 -6.71 19.18 19.13
C ARG E 12 -8.14 19.63 18.82
N MET E 13 -8.51 19.56 17.55
CA MET E 13 -9.85 19.97 17.13
C MET E 13 -10.91 19.03 17.66
N ASP E 14 -10.81 17.75 17.30
CA ASP E 14 -11.77 16.75 17.75
C ASP E 14 -11.81 16.66 19.27
N LYS E 15 -10.68 16.95 19.91
CA LYS E 15 -10.59 16.90 21.36
C LYS E 15 -11.53 17.92 21.99
N CYS E 16 -11.66 19.08 21.34
CA CYS E 16 -12.53 20.14 21.83
C CYS E 16 -13.99 19.83 21.50
N VAL E 17 -14.24 19.48 20.25
CA VAL E 17 -15.60 19.16 19.80
C VAL E 17 -16.20 18.06 20.66
N GLU E 18 -15.41 17.02 20.93
CA GLU E 18 -15.85 15.90 21.74
C GLU E 18 -16.11 16.35 23.18
N ALA E 19 -15.43 17.41 23.58
CA ALA E 19 -15.58 17.95 24.93
C ALA E 19 -16.87 18.76 25.06
N PHE E 20 -17.03 19.75 24.18
CA PHE E 20 -18.22 20.59 24.20
C PHE E 20 -19.48 19.76 23.95
N LYS E 21 -19.36 18.74 23.11
CA LYS E 21 -20.48 17.87 22.80
C LYS E 21 -20.98 17.15 24.04
N THR E 22 -20.12 17.08 25.06
CA THR E 22 -20.47 16.43 26.31
C THR E 22 -20.91 17.47 27.35
N GLN E 23 -20.36 18.67 27.24
CA GLN E 23 -20.70 19.75 28.17
C GLN E 23 -22.12 20.25 27.93
N ILE E 24 -22.56 20.23 26.68
CA ILE E 24 -23.90 20.67 26.32
C ILE E 24 -24.96 19.80 26.99
N SER E 25 -24.58 18.57 27.32
CA SER E 25 -25.49 17.64 27.96
C SER E 25 -25.66 17.97 29.43
N LYS E 26 -24.73 18.77 29.96
CA LYS E 26 -24.77 19.18 31.36
C LYS E 26 -25.70 20.36 31.55
N ILE E 27 -26.07 21.01 30.45
CA ILE E 27 -26.96 22.16 30.50
C ILE E 27 -28.42 21.70 30.64
N ARG E 28 -28.75 20.61 29.95
CA ARG E 28 -30.10 20.06 29.98
C ARG E 28 -30.44 19.54 31.38
N THR E 29 -31.23 20.32 32.12
CA THR E 29 -31.63 19.95 33.47
C THR E 29 -32.58 18.74 33.44
N GLY E 30 -33.57 18.80 32.56
CA GLY E 30 -34.53 17.72 32.45
C GLY E 30 -35.76 18.12 31.67
N GLY E 31 -35.87 17.62 30.44
CA GLY E 31 -37.02 17.95 29.61
C GLY E 31 -36.87 19.28 28.90
N GLY E 32 -36.75 20.35 29.68
CA GLY E 32 -36.60 21.68 29.09
C GLY E 32 -37.88 22.18 28.47
N GLY E 33 -38.53 23.13 29.14
CA GLY E 33 -39.77 23.68 28.64
C GLY E 33 -40.85 23.79 29.70
N THR E 34 -40.91 24.94 30.35
CA THR E 34 -41.89 25.19 31.40
C THR E 34 -42.55 26.56 31.26
N GLU E 35 -43.47 26.67 30.31
CA GLU E 35 -44.17 27.92 30.05
C GLU E 35 -43.23 29.06 29.72
N GLU E 36 -43.05 29.31 28.43
CA GLU E 36 -42.18 30.38 27.94
C GLU E 36 -40.71 30.13 28.25
N ARG E 37 -40.44 29.34 29.28
CA ARG E 37 -39.07 29.02 29.67
C ARG E 37 -38.45 28.01 28.73
N ARG E 38 -38.18 28.43 27.50
CA ARG E 38 -37.57 27.57 26.50
C ARG E 38 -36.54 28.31 25.67
N LYS E 39 -36.90 29.51 25.24
CA LYS E 39 -36.01 30.34 24.43
C LYS E 39 -34.91 30.95 25.30
N ASP E 40 -35.26 31.34 26.52
CA ASP E 40 -34.30 31.92 27.45
C ASP E 40 -33.17 30.95 27.75
N LEU E 41 -33.50 29.66 27.75
CA LEU E 41 -32.51 28.62 28.01
C LEU E 41 -31.58 28.47 26.82
N THR E 42 -32.12 28.66 25.63
CA THR E 42 -31.34 28.55 24.40
C THR E 42 -30.14 29.49 24.43
N LYS E 43 -30.27 30.58 25.19
CA LYS E 43 -29.21 31.57 25.32
C LYS E 43 -27.91 30.90 25.76
N ILE E 44 -28.03 29.95 26.69
CA ILE E 44 -26.88 29.23 27.20
C ILE E 44 -26.27 28.35 26.12
N VAL E 45 -27.13 27.82 25.24
CA VAL E 45 -26.68 26.97 24.15
C VAL E 45 -25.91 27.78 23.12
N ARG E 46 -26.33 29.03 22.93
CA ARG E 46 -25.67 29.92 21.98
C ARG E 46 -24.21 30.12 22.34
N GLY E 47 -23.93 30.13 23.64
CA GLY E 47 -22.56 30.31 24.11
C GLY E 47 -21.70 29.11 23.77
N GLU E 48 -22.28 27.92 23.82
CA GLU E 48 -21.55 26.70 23.51
C GLU E 48 -21.16 26.67 22.04
N ALA E 49 -22.07 27.13 21.18
CA ALA E 49 -21.82 27.16 19.74
C ALA E 49 -20.87 28.30 19.39
N GLU E 50 -21.01 29.42 20.08
CA GLU E 50 -20.16 30.58 19.85
C GLU E 50 -18.71 30.26 20.19
N GLN E 51 -18.50 29.64 21.34
CA GLN E 51 -17.17 29.27 21.78
C GLN E 51 -16.60 28.17 20.89
N ALA E 52 -17.49 27.37 20.31
CA ALA E 52 -17.07 26.28 19.43
C ALA E 52 -16.50 26.83 18.13
N ARG E 53 -17.22 27.77 17.52
CA ARG E 53 -16.78 28.39 16.27
C ARG E 53 -15.37 28.94 16.40
N VAL E 54 -15.15 29.73 17.46
CA VAL E 54 -13.84 30.33 17.69
C VAL E 54 -12.77 29.26 17.85
N ALA E 55 -13.05 28.27 18.69
CA ALA E 55 -12.11 27.17 18.95
C ALA E 55 -11.68 26.51 17.65
N VAL E 56 -12.61 26.39 16.70
CA VAL E 56 -12.33 25.77 15.41
C VAL E 56 -11.52 26.72 14.53
N ARG E 57 -11.67 28.02 14.76
CA ARG E 57 -10.95 29.02 13.97
C ARG E 57 -9.56 29.27 14.53
N ASN E 58 -9.40 29.12 15.84
CA ASN E 58 -8.11 29.34 16.49
C ASN E 58 -7.05 28.41 15.91
N VAL E 59 -7.35 27.11 15.90
CA VAL E 59 -6.42 26.12 15.37
C VAL E 59 -6.05 26.44 13.92
N ARG E 60 -6.99 27.05 13.20
CA ARG E 60 -6.77 27.41 11.81
C ARG E 60 -5.85 28.63 11.70
N ARG E 61 -6.03 29.58 12.62
CA ARG E 61 -5.23 30.79 12.63
C ARG E 61 -4.05 30.66 13.59
N ASP E 62 -3.65 29.42 13.86
CA ASP E 62 -2.52 29.16 14.76
C ASP E 62 -1.58 28.14 14.14
N ALA E 63 -2.13 27.07 13.58
CA ALA E 63 -1.34 26.02 12.95
C ALA E 63 -0.87 26.47 11.57
N ASN E 64 -1.57 27.46 11.00
CA ASN E 64 -1.22 27.97 9.69
C ASN E 64 0.06 28.80 9.75
N ASP E 65 0.15 29.66 10.75
CA ASP E 65 1.32 30.52 10.93
C ASP E 65 2.54 29.68 11.27
N LYS E 66 2.32 28.49 11.81
CA LYS E 66 3.39 27.59 12.20
C LYS E 66 4.05 26.98 10.96
N VAL E 67 3.33 27.01 9.84
CA VAL E 67 3.84 26.46 8.59
C VAL E 67 4.17 27.58 7.60
N LYS E 68 3.33 28.61 7.57
CA LYS E 68 3.54 29.74 6.67
C LYS E 68 4.88 30.40 6.92
N ALA E 69 5.17 30.68 8.20
CA ALA E 69 6.43 31.31 8.57
C ALA E 69 7.54 30.28 8.65
N LEU E 70 7.21 29.03 8.36
CA LEU E 70 8.17 27.94 8.39
C LEU E 70 8.70 27.63 7.00
N LEU E 71 7.83 27.72 6.00
CA LEU E 71 8.19 27.45 4.62
C LEU E 71 8.88 28.65 3.98
N LYS E 72 9.05 29.72 4.76
CA LYS E 72 9.69 30.93 4.27
C LYS E 72 11.19 30.91 4.60
N ASP E 73 11.57 30.05 5.54
CA ASP E 73 12.97 29.94 5.96
C ASP E 73 13.74 29.01 5.02
N LYS E 74 13.39 29.03 3.73
CA LYS E 74 14.04 28.20 2.75
C LYS E 74 13.97 26.72 3.14
N GLU E 75 12.76 26.19 3.19
CA GLU E 75 12.55 24.79 3.55
C GLU E 75 11.47 24.16 2.68
N ILE E 76 10.37 24.90 2.48
CA ILE E 76 9.26 24.41 1.67
C ILE E 76 8.82 25.48 0.68
N SER E 77 8.77 25.10 -0.60
CA SER E 77 8.36 26.03 -1.65
C SER E 77 6.85 26.25 -1.64
N GLU E 78 6.34 26.86 -2.70
CA GLU E 78 4.91 27.13 -2.82
C GLU E 78 4.14 25.85 -3.13
N ASP E 79 2.95 26.01 -3.70
CA ASP E 79 2.09 24.88 -4.06
C ASP E 79 1.64 24.12 -2.82
N ASP E 80 2.17 24.50 -1.67
CA ASP E 80 1.82 23.85 -0.40
C ASP E 80 0.94 24.76 0.44
N ASP E 81 0.96 26.06 0.13
CA ASP E 81 0.17 27.04 0.86
C ASP E 81 -1.31 26.71 0.73
N ARG E 82 -1.77 26.56 -0.51
CA ARG E 82 -3.17 26.25 -0.77
C ARG E 82 -3.48 24.82 -0.35
N ARG E 83 -2.46 23.95 -0.43
CA ARG E 83 -2.62 22.56 -0.05
C ARG E 83 -2.91 22.45 1.44
N SER E 84 -2.32 23.35 2.22
CA SER E 84 -2.52 23.37 3.67
C SER E 84 -3.89 23.94 4.00
N GLN E 85 -4.36 24.85 3.15
CA GLN E 85 -5.67 25.47 3.35
C GLN E 85 -6.78 24.44 3.20
N ASP E 86 -6.77 23.74 2.08
CA ASP E 86 -7.78 22.71 1.81
C ASP E 86 -7.70 21.59 2.84
N ASP E 87 -6.63 21.60 3.63
CA ASP E 87 -6.43 20.59 4.65
C ASP E 87 -7.14 20.97 5.95
N VAL E 88 -7.11 22.26 6.27
CA VAL E 88 -7.76 22.76 7.49
C VAL E 88 -9.25 22.99 7.25
N GLN E 89 -9.62 23.21 5.99
CA GLN E 89 -11.02 23.45 5.64
C GLN E 89 -11.84 22.18 5.86
N LYS E 90 -11.29 21.05 5.45
CA LYS E 90 -11.97 19.77 5.61
C LYS E 90 -12.16 19.44 7.08
N LEU E 91 -11.49 20.19 7.94
CA LEU E 91 -11.57 20.00 9.37
C LEU E 91 -12.49 21.05 9.99
N THR E 92 -12.38 22.28 9.51
CA THR E 92 -13.19 23.37 10.00
C THR E 92 -14.64 23.21 9.55
N ASP E 93 -14.84 22.99 8.26
CA ASP E 93 -16.17 22.82 7.71
C ASP E 93 -16.84 21.59 8.30
N ALA E 94 -16.07 20.52 8.46
CA ALA E 94 -16.58 19.28 9.02
C ALA E 94 -17.02 19.50 10.47
N ALA E 95 -16.22 20.26 11.22
CA ALA E 95 -16.52 20.56 12.61
C ALA E 95 -17.83 21.32 12.71
N ILE E 96 -17.94 22.41 11.96
CA ILE E 96 -19.15 23.22 11.97
C ILE E 96 -20.34 22.39 11.51
N LYS E 97 -20.09 21.48 10.58
CA LYS E 97 -21.14 20.62 10.05
C LYS E 97 -21.70 19.72 11.15
N LYS E 98 -20.83 19.35 12.09
CA LYS E 98 -21.24 18.49 13.20
C LYS E 98 -21.90 19.32 14.30
N ILE E 99 -21.42 20.55 14.48
CA ILE E 99 -21.97 21.45 15.49
C ILE E 99 -23.43 21.76 15.18
N GLU E 100 -23.68 22.25 13.97
CA GLU E 100 -25.03 22.60 13.54
C GLU E 100 -25.93 21.37 13.57
N ALA E 101 -25.37 20.22 13.21
CA ALA E 101 -26.12 18.98 13.19
C ALA E 101 -26.47 18.55 14.62
N ALA E 102 -25.55 18.79 15.54
CA ALA E 102 -25.76 18.44 16.95
C ALA E 102 -26.79 19.37 17.58
N LEU E 103 -26.65 20.66 17.29
CA LEU E 103 -27.57 21.65 17.84
C LEU E 103 -28.99 21.42 17.32
N ALA E 104 -29.08 20.87 16.11
CA ALA E 104 -30.37 20.58 15.50
C ALA E 104 -31.13 19.54 16.31
N ASP E 105 -30.38 18.62 16.93
CA ASP E 105 -30.97 17.56 17.74
C ASP E 105 -31.21 18.06 19.16
N LYS E 106 -30.28 18.85 19.67
CA LYS E 106 -30.38 19.39 21.02
C LYS E 106 -31.59 20.33 21.13
N GLU E 107 -31.73 21.20 20.12
CA GLU E 107 -32.84 22.15 20.10
C GLU E 107 -34.17 21.42 19.98
N ALA E 108 -34.15 20.26 19.35
CA ALA E 108 -35.36 19.46 19.18
C ALA E 108 -35.75 18.79 20.48
N GLU E 109 -34.85 18.84 21.46
CA GLU E 109 -35.10 18.23 22.76
C GLU E 109 -35.44 19.31 23.81
N LEU E 110 -34.73 20.43 23.74
CA LEU E 110 -34.95 21.53 24.67
C LEU E 110 -36.31 22.17 24.42
N MET E 111 -36.86 21.96 23.23
CA MET E 111 -38.15 22.51 22.86
C MET E 111 -39.21 21.42 22.84
N GLN E 112 -38.75 20.17 22.86
CA GLN E 112 -39.66 19.02 22.85
C GLN E 112 -40.63 19.07 24.03
N PHE E 113 -40.18 18.59 25.19
CA PHE E 113 -40.99 18.59 26.39
C PHE E 113 -42.24 17.73 26.20
#